data_4NXX
#
_entry.id   4NXX
#
_cell.length_a   57.716
_cell.length_b   57.716
_cell.length_c   255.398
_cell.angle_alpha   90.00
_cell.angle_beta   90.00
_cell.angle_gamma   90.00
#
_symmetry.space_group_name_H-M   'P 43 21 2'
#
loop_
_entity.id
_entity.type
_entity.pdbx_description
1 polymer 'Mitochondrial dynamic protein MID51'
2 non-polymer "GUANOSINE-5'-DIPHOSPHATE"
3 water water
#
_entity_poly.entity_id   1
_entity_poly.type   'polypeptide(L)'
_entity_poly.pdbx_seq_one_letter_code
;GSARKGQVDLKKSRLRMSLQEKLLTYYRNRAAIPAGEQARAKQAAVDICAELRSFLRAKLPDMPLRDMYLSGSLYDDLQV
VTADHIQLIVPLVLEQNLWSCIPGEDTIMNVPGFFLVRRENRGSSYWDRCVVGGYLSPKTVADTFEKVVAGSINWPAIGS
LLDYVIRPAPPPEALTLEVQYERDKHLFIDFLPSVTLGDTVLVAKPHRLAQYDNLWRLSLRPAETARLRALDQADSGCRS
LCLKILKAICKSTPALGHLTASQLTNVILHLAQEEADWSPDMLADRFLQALRGLISYLEAGVLPSALNPKVNLFAELTPE
EIDELGYTLYCSLSEPEVLLQT
;
_entity_poly.pdbx_strand_id   A
#
loop_
_chem_comp.id
_chem_comp.type
_chem_comp.name
_chem_comp.formula
GDP RNA linking GUANOSINE-5'-DIPHOSPHATE 'C10 H15 N5 O11 P2'
#
# COMPACT_ATOMS: atom_id res chain seq x y z
N MET A 17 1.14 -20.60 28.68
CA MET A 17 1.59 -19.23 28.49
C MET A 17 0.41 -18.27 28.53
N SER A 18 0.65 -17.04 28.98
CA SER A 18 -0.36 -16.01 28.88
C SER A 18 -0.38 -15.52 27.44
N LEU A 19 -1.46 -14.83 27.05
CA LEU A 19 -1.59 -14.36 25.68
C LEU A 19 -0.41 -13.47 25.29
N GLN A 20 0.07 -12.69 26.26
CA GLN A 20 1.25 -11.84 26.06
C GLN A 20 2.41 -12.65 25.50
N GLU A 21 2.72 -13.76 26.17
CA GLU A 21 3.86 -14.59 25.78
C GLU A 21 3.68 -15.15 24.38
N LYS A 22 2.48 -15.61 24.06
CA LYS A 22 2.23 -16.21 22.75
C LYS A 22 2.34 -15.18 21.65
N LEU A 23 1.98 -13.94 21.96
CA LEU A 23 2.05 -12.86 20.98
C LEU A 23 3.51 -12.53 20.65
N LEU A 24 4.34 -12.42 21.67
CA LEU A 24 5.75 -12.12 21.47
C LEU A 24 6.45 -13.27 20.73
N THR A 25 6.07 -14.50 21.07
CA THR A 25 6.61 -15.67 20.38
C THR A 25 6.20 -15.66 18.91
N TYR A 26 4.92 -15.37 18.67
CA TYR A 26 4.38 -15.31 17.32
C TYR A 26 5.10 -14.25 16.49
N TYR A 27 5.26 -13.06 17.04
CA TYR A 27 5.96 -12.01 16.32
C TYR A 27 7.39 -12.42 15.99
N ARG A 28 8.05 -13.03 16.97
CA ARG A 28 9.45 -13.41 16.83
C ARG A 28 9.65 -14.49 15.77
N ASN A 29 8.80 -15.52 15.82
CA ASN A 29 8.96 -16.69 14.95
C ASN A 29 8.23 -16.60 13.62
N ARG A 30 7.22 -15.73 13.54
CA ARG A 30 6.34 -15.68 12.37
C ARG A 30 6.31 -14.30 11.71
N ALA A 31 5.95 -13.25 12.45
CA ALA A 31 5.77 -11.93 11.85
C ALA A 31 7.11 -11.27 11.51
N ALA A 32 8.05 -11.33 12.44
CA ALA A 32 9.33 -10.64 12.28
C ALA A 32 10.14 -11.20 11.11
N ILE A 33 10.69 -10.29 10.31
CA ILE A 33 11.59 -10.66 9.22
C ILE A 33 13.02 -10.58 9.72
N PRO A 34 13.85 -11.61 9.42
CA PRO A 34 15.25 -11.58 9.83
C PRO A 34 15.95 -10.30 9.38
N ALA A 35 16.70 -9.67 10.28
CA ALA A 35 17.31 -8.38 10.01
C ALA A 35 18.23 -8.41 8.79
N GLY A 36 18.79 -9.59 8.50
CA GLY A 36 19.64 -9.75 7.34
C GLY A 36 18.85 -9.70 6.04
N GLU A 37 17.83 -10.56 5.96
CA GLU A 37 16.95 -10.59 4.79
C GLU A 37 16.31 -9.24 4.54
N GLN A 38 15.97 -8.55 5.63
CA GLN A 38 15.27 -7.28 5.55
C GLN A 38 16.12 -6.18 4.91
N ALA A 39 17.35 -6.04 5.41
CA ALA A 39 18.24 -4.98 4.92
C ALA A 39 18.74 -5.26 3.50
N ARG A 40 18.94 -6.54 3.19
CA ARG A 40 19.44 -6.91 1.87
C ARG A 40 18.38 -6.66 0.79
N ALA A 41 17.14 -7.01 1.11
CA ALA A 41 16.03 -6.75 0.21
C ALA A 41 15.84 -5.25 0.02
N LYS A 42 16.02 -4.51 1.10
CA LYS A 42 15.89 -3.06 1.06
C LYS A 42 16.96 -2.44 0.15
N GLN A 43 18.18 -2.95 0.25
CA GLN A 43 19.28 -2.44 -0.56
C GLN A 43 19.08 -2.74 -2.03
N ALA A 44 18.50 -3.91 -2.33
CA ALA A 44 18.21 -4.30 -3.70
C ALA A 44 17.28 -3.27 -4.35
N ALA A 45 16.26 -2.84 -3.61
CA ALA A 45 15.33 -1.82 -4.10
C ALA A 45 16.05 -0.51 -4.38
N VAL A 46 16.85 -0.06 -3.41
CA VAL A 46 17.61 1.17 -3.56
C VAL A 46 18.50 1.10 -4.78
N ASP A 47 19.19 -0.02 -4.94
CA ASP A 47 20.10 -0.23 -6.06
C ASP A 47 19.37 -0.13 -7.41
N ILE A 48 18.20 -0.76 -7.51
CA ILE A 48 17.45 -0.78 -8.75
C ILE A 48 16.78 0.57 -9.01
N CYS A 49 16.29 1.21 -7.95
CA CYS A 49 15.64 2.51 -8.08
C CYS A 49 16.62 3.50 -8.72
N ALA A 50 17.85 3.53 -8.19
CA ALA A 50 18.87 4.44 -8.69
C ALA A 50 19.18 4.18 -10.17
N GLU A 51 19.17 2.90 -10.55
CA GLU A 51 19.42 2.52 -11.93
C GLU A 51 18.26 2.91 -12.84
N LEU A 52 17.05 2.64 -12.39
CA LEU A 52 15.85 2.90 -13.19
C LEU A 52 15.66 4.40 -13.43
N ARG A 53 16.10 5.23 -12.48
CA ARG A 53 16.07 6.67 -12.68
C ARG A 53 16.88 7.05 -13.91
N SER A 54 18.16 6.70 -13.89
CA SER A 54 19.08 7.05 -14.96
C SER A 54 18.63 6.51 -16.31
N PHE A 55 18.34 5.21 -16.37
CA PHE A 55 18.02 4.56 -17.64
C PHE A 55 16.70 5.05 -18.24
N LEU A 56 15.66 5.13 -17.42
CA LEU A 56 14.35 5.54 -17.90
C LEU A 56 14.33 7.03 -18.26
N ARG A 57 15.23 7.80 -17.65
CA ARG A 57 15.40 9.21 -18.00
C ARG A 57 15.81 9.33 -19.46
N ALA A 58 16.60 8.36 -19.92
CA ALA A 58 17.09 8.34 -21.29
C ALA A 58 16.15 7.56 -22.21
N LYS A 59 15.44 6.58 -21.65
CA LYS A 59 14.56 5.71 -22.43
C LYS A 59 13.21 6.37 -22.70
N LEU A 60 12.87 7.37 -21.89
CA LEU A 60 11.59 8.07 -21.99
C LEU A 60 11.76 9.58 -21.82
N PRO A 61 12.54 10.22 -22.71
CA PRO A 61 12.87 11.64 -22.54
C PRO A 61 11.69 12.59 -22.71
N ASP A 62 10.67 12.19 -23.47
CA ASP A 62 9.51 13.05 -23.70
C ASP A 62 8.59 13.09 -22.50
N MET A 63 8.59 12.01 -21.72
CA MET A 63 7.63 11.82 -20.64
C MET A 63 7.90 12.78 -19.46
N PRO A 64 6.95 13.69 -19.17
CA PRO A 64 7.14 14.58 -18.03
C PRO A 64 7.04 13.84 -16.69
N LEU A 65 8.19 13.61 -16.06
CA LEU A 65 8.25 12.87 -14.81
C LEU A 65 9.13 13.55 -13.77
N ARG A 66 8.83 13.30 -12.51
CA ARG A 66 9.74 13.64 -11.42
C ARG A 66 10.59 12.39 -11.15
N ASP A 67 11.60 12.53 -10.30
CA ASP A 67 12.41 11.39 -9.91
C ASP A 67 11.52 10.30 -9.28
N MET A 68 11.73 9.06 -9.69
CA MET A 68 11.00 7.94 -9.10
C MET A 68 11.55 7.64 -7.72
N TYR A 69 10.72 7.13 -6.83
CA TYR A 69 11.14 6.85 -5.46
C TYR A 69 10.39 5.67 -4.87
N LEU A 70 11.00 5.02 -3.88
CA LEU A 70 10.45 3.83 -3.26
C LEU A 70 9.44 4.15 -2.17
N SER A 71 8.50 3.24 -1.98
CA SER A 71 7.43 3.40 -0.99
C SER A 71 6.84 2.04 -0.62
N GLY A 72 6.38 1.92 0.63
CA GLY A 72 5.73 0.69 1.08
C GLY A 72 6.24 0.19 2.42
N SER A 73 5.66 -0.91 2.88
CA SER A 73 5.97 -1.48 4.18
C SER A 73 7.45 -1.88 4.32
N LEU A 74 8.04 -2.39 3.24
CA LEU A 74 9.45 -2.78 3.26
C LEU A 74 10.34 -1.57 3.53
N TYR A 75 9.91 -0.41 3.02
CA TYR A 75 10.67 0.82 3.18
C TYR A 75 10.48 1.39 4.58
N ASP A 76 9.34 1.07 5.20
CA ASP A 76 8.97 1.59 6.51
C ASP A 76 9.22 0.58 7.64
N ASP A 77 9.81 -0.56 7.31
CA ASP A 77 10.03 -1.63 8.30
C ASP A 77 8.71 -2.12 8.89
N LEU A 78 7.65 -2.09 8.08
CA LEU A 78 6.34 -2.59 8.50
C LEU A 78 5.97 -3.86 7.73
N GLN A 79 6.85 -4.28 6.82
CA GLN A 79 6.64 -5.53 6.10
C GLN A 79 6.83 -6.71 7.07
N VAL A 80 6.16 -7.83 6.80
CA VAL A 80 6.17 -8.96 7.73
C VAL A 80 6.34 -10.31 7.03
N VAL A 81 6.68 -11.32 7.83
CA VAL A 81 6.88 -12.69 7.35
C VAL A 81 8.09 -12.79 6.41
N THR A 82 8.01 -12.14 5.24
CA THR A 82 9.10 -12.18 4.28
C THR A 82 9.18 -10.86 3.50
N ALA A 83 10.39 -10.53 3.04
CA ALA A 83 10.63 -9.27 2.34
C ALA A 83 10.78 -9.52 0.84
N ASP A 84 9.71 -9.27 0.09
CA ASP A 84 9.67 -9.62 -1.33
C ASP A 84 9.05 -8.57 -2.24
N HIS A 85 8.47 -7.50 -1.67
CA HIS A 85 7.79 -6.50 -2.49
C HIS A 85 7.91 -5.05 -1.99
N ILE A 86 7.86 -4.12 -2.93
CA ILE A 86 7.93 -2.69 -2.66
C ILE A 86 7.38 -1.92 -3.86
N GLN A 87 6.86 -0.72 -3.62
CA GLN A 87 6.34 0.12 -4.71
C GLN A 87 7.41 1.07 -5.24
N LEU A 88 7.39 1.29 -6.54
CA LEU A 88 8.19 2.36 -7.15
C LEU A 88 7.24 3.42 -7.68
N ILE A 89 7.13 4.53 -6.95
CA ILE A 89 6.22 5.61 -7.34
C ILE A 89 6.76 6.32 -8.56
N VAL A 90 5.87 6.53 -9.53
CA VAL A 90 6.21 7.24 -10.77
C VAL A 90 5.42 8.54 -10.80
N PRO A 91 6.02 9.65 -10.33
CA PRO A 91 5.27 10.91 -10.28
C PRO A 91 5.14 11.58 -11.64
N LEU A 92 3.91 11.67 -12.16
CA LEU A 92 3.65 12.40 -13.39
C LEU A 92 3.72 13.90 -13.13
N VAL A 93 4.23 14.65 -14.10
CA VAL A 93 4.28 16.10 -14.01
C VAL A 93 3.08 16.69 -14.77
N LEU A 94 2.20 17.33 -14.03
CA LEU A 94 1.02 17.97 -14.60
C LEU A 94 1.04 19.47 -14.38
N GLU A 95 0.69 20.21 -15.43
CA GLU A 95 0.55 21.66 -15.34
C GLU A 95 -0.72 21.97 -14.57
N GLN A 96 -0.57 22.54 -13.38
CA GLN A 96 -1.67 22.71 -12.44
C GLN A 96 -2.88 23.43 -13.03
N ASN A 97 -2.67 24.20 -14.09
CA ASN A 97 -3.75 24.98 -14.69
C ASN A 97 -4.44 24.28 -15.85
N LEU A 98 -3.92 23.11 -16.24
CA LEU A 98 -4.54 22.32 -17.31
C LEU A 98 -5.33 21.15 -16.75
N TRP A 99 -5.27 20.97 -15.43
CA TRP A 99 -5.96 19.86 -14.79
C TRP A 99 -6.59 20.27 -13.46
N SER A 100 -7.75 19.68 -13.17
CA SER A 100 -8.36 19.79 -11.86
C SER A 100 -8.78 18.38 -11.43
N CYS A 101 -8.73 18.12 -10.13
CA CYS A 101 -9.19 16.85 -9.60
C CYS A 101 -10.51 17.05 -8.86
N ILE A 102 -11.40 16.07 -8.98
CA ILE A 102 -12.75 16.16 -8.42
C ILE A 102 -12.93 15.07 -7.36
N PRO A 103 -13.23 15.47 -6.11
CA PRO A 103 -13.42 14.46 -5.08
C PRO A 103 -14.61 13.56 -5.37
N GLY A 104 -14.47 12.27 -5.11
CA GLY A 104 -15.49 11.31 -5.47
C GLY A 104 -16.87 11.62 -4.90
N GLU A 105 -16.90 12.20 -3.71
CA GLU A 105 -18.18 12.51 -3.07
C GLU A 105 -18.96 13.59 -3.83
N ASP A 106 -18.29 14.21 -4.80
CA ASP A 106 -18.91 15.25 -5.61
C ASP A 106 -19.18 14.78 -7.04
N THR A 107 -18.87 13.51 -7.32
CA THR A 107 -19.14 12.91 -8.62
C THR A 107 -20.35 12.00 -8.55
N ILE A 108 -20.78 11.46 -9.70
CA ILE A 108 -21.92 10.55 -9.74
C ILE A 108 -21.58 9.19 -9.12
N MET A 109 -20.30 8.84 -9.13
CA MET A 109 -19.86 7.57 -8.55
C MET A 109 -20.01 7.61 -7.03
N ASN A 110 -19.93 8.82 -6.46
CA ASN A 110 -20.04 9.03 -5.03
C ASN A 110 -19.12 8.10 -4.21
N VAL A 111 -17.83 8.18 -4.50
CA VAL A 111 -16.84 7.33 -3.83
C VAL A 111 -15.80 8.20 -3.12
N PRO A 112 -16.00 8.46 -1.82
CA PRO A 112 -14.99 9.19 -1.04
C PRO A 112 -13.65 8.46 -1.06
N GLY A 113 -12.56 9.20 -1.13
CA GLY A 113 -11.23 8.62 -1.17
C GLY A 113 -10.79 8.28 -2.58
N PHE A 114 -11.62 8.60 -3.56
CA PHE A 114 -11.28 8.40 -4.97
C PHE A 114 -11.63 9.65 -5.77
N PHE A 115 -10.85 9.90 -6.82
CA PHE A 115 -10.91 11.17 -7.55
C PHE A 115 -11.01 11.01 -9.06
N LEU A 116 -11.67 11.97 -9.69
CA LEU A 116 -11.58 12.17 -11.13
C LEU A 116 -10.52 13.22 -11.40
N VAL A 117 -9.83 13.10 -12.53
CA VAL A 117 -8.89 14.13 -12.96
C VAL A 117 -9.37 14.62 -14.33
N ARG A 118 -9.84 15.87 -14.35
CA ARG A 118 -10.44 16.45 -15.55
C ARG A 118 -9.47 17.38 -16.28
N ARG A 119 -9.46 17.27 -17.60
CA ARG A 119 -8.65 18.16 -18.45
C ARG A 119 -9.30 19.54 -18.48
N GLU A 120 -8.46 20.58 -18.43
CA GLU A 120 -8.94 21.96 -18.34
C GLU A 120 -8.40 22.87 -19.43
N ASN A 121 -9.11 23.98 -19.66
CA ASN A 121 -8.63 25.10 -20.47
C ASN A 121 -8.04 24.70 -21.83
N ARG A 122 -6.87 25.27 -22.17
CA ARG A 122 -6.28 25.09 -23.49
C ARG A 122 -4.94 24.36 -23.38
N GLY A 123 -3.91 24.89 -24.04
CA GLY A 123 -2.57 24.35 -23.91
C GLY A 123 -2.38 22.95 -24.48
N SER A 124 -1.17 22.45 -24.36
CA SER A 124 -0.85 21.07 -24.72
C SER A 124 -0.13 20.40 -23.55
N SER A 125 -0.50 19.15 -23.30
CA SER A 125 0.18 18.32 -22.33
C SER A 125 0.60 17.03 -22.99
N TYR A 126 1.81 16.57 -22.72
CA TYR A 126 2.26 15.26 -23.18
C TYR A 126 1.22 14.23 -22.79
N TRP A 127 0.61 14.43 -21.63
CA TRP A 127 -0.32 13.47 -21.05
C TRP A 127 -1.72 13.53 -21.65
N ASP A 128 -1.91 14.42 -22.63
CA ASP A 128 -3.16 14.47 -23.36
C ASP A 128 -3.48 13.10 -23.97
N ARG A 129 -2.42 12.35 -24.26
CA ARG A 129 -2.55 11.03 -24.88
C ARG A 129 -3.30 10.03 -24.01
N CYS A 130 -3.29 10.24 -22.70
CA CYS A 130 -3.94 9.33 -21.77
C CYS A 130 -5.34 9.82 -21.37
N VAL A 131 -5.75 10.94 -21.94
CA VAL A 131 -7.07 11.49 -21.65
C VAL A 131 -8.12 10.83 -22.55
N VAL A 132 -9.21 10.39 -21.94
CA VAL A 132 -10.35 9.88 -22.69
C VAL A 132 -11.62 10.56 -22.17
N GLY A 133 -12.36 11.17 -23.08
CA GLY A 133 -13.60 11.85 -22.73
C GLY A 133 -13.39 13.04 -21.82
N GLY A 134 -12.23 13.69 -21.95
CA GLY A 134 -11.93 14.87 -21.16
C GLY A 134 -11.50 14.57 -19.74
N TYR A 135 -11.09 13.32 -19.49
CA TYR A 135 -10.58 12.93 -18.19
C TYR A 135 -9.30 12.13 -18.33
N LEU A 136 -8.38 12.31 -17.40
CA LEU A 136 -7.15 11.51 -17.37
C LEU A 136 -7.44 10.18 -16.70
N SER A 137 -7.41 9.11 -17.49
CA SER A 137 -7.78 7.78 -17.01
C SER A 137 -6.63 7.11 -16.26
N PRO A 138 -6.87 6.68 -15.01
CA PRO A 138 -5.80 5.98 -14.28
C PRO A 138 -5.39 4.67 -14.96
N LYS A 139 -6.33 4.07 -15.69
CA LYS A 139 -6.06 2.80 -16.38
C LYS A 139 -5.26 3.03 -17.66
N THR A 140 -5.55 4.14 -18.35
CA THR A 140 -4.81 4.49 -19.57
C THR A 140 -3.38 4.87 -19.21
N VAL A 141 -3.21 5.57 -18.08
CA VAL A 141 -1.88 5.91 -17.59
C VAL A 141 -1.13 4.63 -17.24
N ALA A 142 -1.84 3.66 -16.68
CA ALA A 142 -1.23 2.40 -16.28
C ALA A 142 -0.74 1.64 -17.50
N ASP A 143 -1.55 1.63 -18.56
CA ASP A 143 -1.22 0.91 -19.78
C ASP A 143 0.05 1.45 -20.44
N THR A 144 0.32 2.73 -20.24
CA THR A 144 1.53 3.33 -20.79
C THR A 144 2.76 2.66 -20.18
N PHE A 145 2.68 2.38 -18.88
CA PHE A 145 3.81 1.82 -18.16
C PHE A 145 3.81 0.29 -18.18
N GLU A 146 2.67 -0.32 -18.47
CA GLU A 146 2.64 -1.75 -18.72
C GLU A 146 3.47 -2.04 -19.96
N LYS A 147 3.40 -1.12 -20.92
CA LYS A 147 4.20 -1.20 -22.13
C LYS A 147 5.68 -1.07 -21.81
N VAL A 148 6.01 -0.13 -20.94
CA VAL A 148 7.40 0.10 -20.53
C VAL A 148 7.96 -1.13 -19.82
N VAL A 149 7.15 -1.76 -18.98
CA VAL A 149 7.56 -2.96 -18.25
C VAL A 149 7.78 -4.11 -19.23
N ALA A 150 6.80 -4.31 -20.11
CA ALA A 150 6.87 -5.38 -21.10
C ALA A 150 8.05 -5.15 -22.05
N GLY A 151 8.42 -3.89 -22.23
CA GLY A 151 9.52 -3.52 -23.11
C GLY A 151 10.88 -3.65 -22.44
N SER A 152 10.90 -4.15 -21.21
CA SER A 152 12.16 -4.24 -20.46
C SER A 152 13.03 -5.41 -20.94
N ILE A 153 12.47 -6.27 -21.77
CA ILE A 153 13.23 -7.38 -22.35
C ILE A 153 14.16 -6.86 -23.46
N ASN A 154 14.00 -5.59 -23.81
CA ASN A 154 14.88 -4.93 -24.78
C ASN A 154 16.01 -4.18 -24.09
N TRP A 155 15.88 -3.94 -22.79
CA TRP A 155 16.87 -3.18 -22.04
C TRP A 155 18.22 -3.89 -21.98
N PRO A 156 19.30 -3.11 -21.74
CA PRO A 156 20.60 -3.73 -21.46
C PRO A 156 20.65 -4.30 -20.04
N ALA A 157 21.71 -5.01 -19.71
CA ALA A 157 21.83 -5.62 -18.39
C ALA A 157 22.01 -4.55 -17.31
N ILE A 158 20.92 -3.88 -16.98
CA ILE A 158 20.93 -2.84 -15.95
C ILE A 158 21.22 -3.47 -14.59
N GLY A 159 22.11 -2.82 -13.84
CA GLY A 159 22.46 -3.27 -12.50
C GLY A 159 23.36 -4.49 -12.49
N SER A 160 23.85 -4.87 -13.66
CA SER A 160 24.69 -6.06 -13.79
C SER A 160 26.05 -5.86 -13.12
N LEU A 161 26.33 -4.64 -12.68
CA LEU A 161 27.54 -4.37 -11.93
C LEU A 161 27.43 -4.94 -10.52
N LEU A 162 26.23 -4.84 -9.95
CA LEU A 162 25.94 -5.38 -8.63
C LEU A 162 25.21 -6.72 -8.73
N ASP A 163 25.39 -7.38 -9.88
CA ASP A 163 24.80 -8.69 -10.14
C ASP A 163 23.29 -8.75 -9.87
N TYR A 164 22.55 -7.86 -10.53
CA TYR A 164 21.10 -7.94 -10.56
C TYR A 164 20.63 -8.28 -11.97
N VAL A 165 19.53 -9.01 -12.07
CA VAL A 165 18.92 -9.30 -13.36
C VAL A 165 17.46 -8.94 -13.30
N ILE A 166 17.09 -7.93 -14.08
CA ILE A 166 15.73 -7.40 -14.08
C ILE A 166 14.91 -8.08 -15.16
N ARG A 167 13.79 -8.68 -14.75
CA ARG A 167 12.88 -9.35 -15.68
C ARG A 167 11.42 -8.99 -15.39
N PRO A 168 10.58 -8.88 -16.43
CA PRO A 168 9.16 -8.67 -16.18
C PRO A 168 8.57 -9.76 -15.32
N ALA A 169 7.78 -9.39 -14.31
CA ALA A 169 7.15 -10.38 -13.45
C ALA A 169 6.24 -11.25 -14.30
N PRO A 170 6.01 -12.50 -13.87
CA PRO A 170 5.11 -13.38 -14.62
C PRO A 170 3.70 -12.79 -14.64
N PRO A 171 2.96 -12.96 -15.75
CA PRO A 171 1.58 -12.47 -15.78
C PRO A 171 0.77 -13.00 -14.60
N PRO A 172 -0.28 -12.28 -14.19
CA PRO A 172 -0.85 -11.06 -14.77
C PRO A 172 -0.28 -9.75 -14.22
N GLU A 173 0.82 -9.81 -13.49
CA GLU A 173 1.40 -8.61 -12.89
C GLU A 173 2.10 -7.76 -13.95
N ALA A 174 1.29 -7.11 -14.79
CA ALA A 174 1.81 -6.38 -15.94
C ALA A 174 2.56 -5.11 -15.57
N LEU A 175 2.52 -4.73 -14.29
CA LEU A 175 3.18 -3.51 -13.83
C LEU A 175 4.40 -3.81 -12.96
N THR A 176 4.73 -5.10 -12.80
CA THR A 176 5.77 -5.52 -11.88
C THR A 176 7.06 -5.94 -12.57
N LEU A 177 8.19 -5.49 -12.03
CA LEU A 177 9.50 -6.01 -12.39
C LEU A 177 9.96 -6.99 -11.32
N GLU A 178 10.68 -8.02 -11.75
CA GLU A 178 11.22 -9.01 -10.82
C GLU A 178 12.74 -8.93 -10.81
N VAL A 179 13.30 -8.59 -9.64
CA VAL A 179 14.74 -8.48 -9.47
C VAL A 179 15.28 -9.69 -8.72
N GLN A 180 16.10 -10.48 -9.41
CA GLN A 180 16.74 -11.64 -8.80
C GLN A 180 18.13 -11.27 -8.31
N TYR A 181 18.43 -11.62 -7.07
CA TYR A 181 19.74 -11.35 -6.47
C TYR A 181 20.18 -12.51 -5.59
N GLU A 182 21.40 -12.41 -5.06
CA GLU A 182 22.08 -13.55 -4.42
C GLU A 182 21.38 -14.01 -3.14
N ARG A 183 20.94 -15.27 -3.06
CA ARG A 183 20.97 -16.26 -4.15
C ARG A 183 19.63 -16.98 -4.17
N ASP A 184 18.94 -16.88 -5.30
CA ASP A 184 17.55 -17.30 -5.40
C ASP A 184 16.70 -16.38 -4.53
N LYS A 185 17.11 -15.11 -4.46
CA LYS A 185 16.32 -14.08 -3.81
C LYS A 185 15.58 -13.30 -4.89
N HIS A 186 14.32 -12.98 -4.67
CA HIS A 186 13.56 -12.17 -5.62
C HIS A 186 12.81 -11.02 -4.93
N LEU A 187 13.00 -9.82 -5.46
CA LEU A 187 12.27 -8.65 -5.01
C LEU A 187 11.34 -8.18 -6.13
N PHE A 188 10.05 -8.07 -5.79
CA PHE A 188 9.03 -7.65 -6.75
C PHE A 188 8.71 -6.17 -6.62
N ILE A 189 9.12 -5.40 -7.61
CA ILE A 189 8.89 -3.96 -7.62
C ILE A 189 7.78 -3.60 -8.61
N ASP A 190 6.68 -3.07 -8.10
CA ASP A 190 5.56 -2.69 -8.97
C ASP A 190 5.54 -1.18 -9.19
N PHE A 191 5.36 -0.78 -10.45
CA PHE A 191 5.25 0.62 -10.82
C PHE A 191 3.90 1.18 -10.41
N LEU A 192 3.91 2.31 -9.72
CA LEU A 192 2.68 2.95 -9.25
C LEU A 192 2.63 4.41 -9.70
N PRO A 193 1.94 4.69 -10.82
CA PRO A 193 1.82 6.07 -11.31
C PRO A 193 1.10 6.96 -10.30
N SER A 194 1.62 8.16 -10.08
CA SER A 194 1.05 9.07 -9.09
C SER A 194 0.90 10.49 -9.66
N VAL A 195 -0.13 11.18 -9.18
CA VAL A 195 -0.45 12.53 -9.65
C VAL A 195 -0.67 13.46 -8.47
N THR A 196 -0.02 14.62 -8.51
CA THR A 196 -0.19 15.63 -7.46
C THR A 196 -0.81 16.89 -8.06
N LEU A 197 -2.02 17.21 -7.60
CA LEU A 197 -2.70 18.43 -7.99
C LEU A 197 -3.02 19.24 -6.74
N GLY A 198 -2.45 20.44 -6.65
CA GLY A 198 -2.49 21.20 -5.41
C GLY A 198 -1.72 20.42 -4.36
N ASP A 199 -2.39 20.07 -3.26
CA ASP A 199 -1.79 19.21 -2.25
C ASP A 199 -2.49 17.85 -2.18
N THR A 200 -3.27 17.55 -3.22
CA THR A 200 -3.91 16.24 -3.35
C THR A 200 -2.98 15.27 -4.07
N VAL A 201 -2.66 14.17 -3.42
CA VAL A 201 -1.82 13.12 -4.00
C VAL A 201 -2.66 11.91 -4.38
N LEU A 202 -2.63 11.55 -5.65
CA LEU A 202 -3.39 10.40 -6.14
C LEU A 202 -2.46 9.33 -6.72
N VAL A 203 -2.84 8.06 -6.57
CA VAL A 203 -2.11 6.95 -7.18
C VAL A 203 -3.05 6.09 -8.02
N ALA A 204 -2.53 5.56 -9.13
CA ALA A 204 -3.32 4.70 -9.99
C ALA A 204 -3.36 3.28 -9.45
N LYS A 205 -4.12 3.09 -8.37
CA LYS A 205 -4.33 1.79 -7.74
C LYS A 205 -5.83 1.48 -7.77
N PRO A 206 -6.28 0.72 -8.77
CA PRO A 206 -7.71 0.52 -9.02
C PRO A 206 -8.55 0.19 -7.79
N HIS A 207 -9.75 0.76 -7.74
CA HIS A 207 -10.79 0.34 -6.82
C HIS A 207 -10.99 -1.17 -6.98
N ARG A 208 -11.21 -1.89 -5.88
CA ARG A 208 -11.43 -3.33 -5.97
C ARG A 208 -12.58 -3.66 -6.90
N LEU A 209 -13.67 -2.90 -6.75
CA LEU A 209 -14.84 -3.06 -7.60
C LEU A 209 -14.58 -2.42 -8.96
N ALA A 210 -14.82 -3.18 -10.02
CA ALA A 210 -14.41 -2.79 -11.37
C ALA A 210 -15.17 -1.58 -11.90
N GLN A 211 -16.36 -1.32 -11.37
CA GLN A 211 -17.15 -0.17 -11.84
C GLN A 211 -16.54 1.15 -11.38
N TYR A 212 -15.45 1.07 -10.62
CA TYR A 212 -14.77 2.25 -10.11
C TYR A 212 -13.29 2.27 -10.49
N ASP A 213 -12.89 1.39 -11.39
CA ASP A 213 -11.47 1.20 -11.70
C ASP A 213 -10.87 2.37 -12.49
N ASN A 214 -11.72 3.29 -12.93
CA ASN A 214 -11.26 4.45 -13.69
C ASN A 214 -11.20 5.71 -12.82
N LEU A 215 -11.34 5.53 -11.52
CA LEU A 215 -11.15 6.61 -10.55
C LEU A 215 -9.75 6.53 -9.94
N TRP A 216 -9.13 7.69 -9.75
CA TRP A 216 -7.82 7.75 -9.08
C TRP A 216 -8.01 7.55 -7.58
N ARG A 217 -7.02 6.92 -6.93
CA ARG A 217 -7.08 6.66 -5.50
C ARG A 217 -6.31 7.70 -4.70
N LEU A 218 -6.97 8.33 -3.73
CA LEU A 218 -6.30 9.28 -2.84
C LEU A 218 -5.25 8.55 -1.99
N SER A 219 -4.01 9.02 -2.07
CA SER A 219 -2.91 8.42 -1.32
C SER A 219 -3.01 8.74 0.18
N LEU A 220 -3.22 7.71 0.99
CA LEU A 220 -3.39 7.88 2.43
C LEU A 220 -2.23 7.29 3.23
N ARG A 221 -1.45 6.41 2.61
CA ARG A 221 -0.46 5.63 3.34
C ARG A 221 0.64 6.46 4.01
N PRO A 222 1.21 7.45 3.29
CA PRO A 222 2.27 8.24 3.93
C PRO A 222 1.84 8.91 5.24
N ALA A 223 0.61 9.42 5.28
CA ALA A 223 0.12 10.11 6.46
C ALA A 223 -0.22 9.11 7.58
N GLU A 224 -0.78 7.97 7.21
CA GLU A 224 -1.11 6.93 8.18
C GLU A 224 0.13 6.41 8.90
N THR A 225 1.16 6.07 8.13
CA THR A 225 2.37 5.47 8.68
C THR A 225 3.21 6.49 9.45
N ALA A 226 3.21 7.72 8.99
CA ALA A 226 3.93 8.80 9.68
C ALA A 226 3.31 9.03 11.05
N ARG A 227 1.99 8.99 11.11
CA ARG A 227 1.26 9.14 12.37
C ARG A 227 1.59 7.99 13.31
N LEU A 228 1.62 6.77 12.77
CA LEU A 228 1.98 5.58 13.52
C LEU A 228 3.37 5.70 14.11
N ARG A 229 4.32 6.13 13.29
CA ARG A 229 5.70 6.29 13.72
C ARG A 229 5.82 7.33 14.83
N ALA A 230 5.20 8.49 14.62
CA ALA A 230 5.28 9.58 15.57
C ALA A 230 4.73 9.17 16.94
N LEU A 231 3.64 8.40 16.93
CA LEU A 231 3.00 7.97 18.17
C LEU A 231 3.89 6.99 18.95
N ASP A 232 4.55 6.07 18.25
CA ASP A 232 5.41 5.09 18.91
C ASP A 232 6.72 5.73 19.35
N GLN A 233 7.24 6.66 18.56
CA GLN A 233 8.47 7.37 18.91
C GLN A 233 8.31 8.13 20.22
N ALA A 234 7.14 8.72 20.40
CA ALA A 234 6.87 9.57 21.55
C ALA A 234 7.01 8.84 22.89
N ASP A 235 6.65 7.56 22.93
CA ASP A 235 6.63 6.83 24.19
C ASP A 235 7.15 5.39 24.09
N SER A 236 7.90 5.10 23.03
CA SER A 236 8.44 3.76 22.80
C SER A 236 7.32 2.70 22.83
N GLY A 237 6.13 3.08 22.39
CA GLY A 237 4.97 2.20 22.45
C GLY A 237 5.05 1.00 21.53
N CYS A 238 4.05 0.14 21.61
CA CYS A 238 4.03 -1.10 20.83
C CYS A 238 2.95 -1.11 19.75
N ARG A 239 2.54 0.08 19.30
CA ARG A 239 1.52 0.19 18.25
C ARG A 239 1.96 -0.50 16.97
N SER A 240 3.20 -0.25 16.55
CA SER A 240 3.72 -0.81 15.31
C SER A 240 3.86 -2.33 15.43
N LEU A 241 4.36 -2.78 16.57
CA LEU A 241 4.52 -4.21 16.82
C LEU A 241 3.19 -4.93 16.75
N CYS A 242 2.19 -4.36 17.41
CA CYS A 242 0.85 -4.92 17.40
C CYS A 242 0.30 -4.99 15.98
N LEU A 243 0.47 -3.91 15.22
CA LEU A 243 0.05 -3.88 13.82
C LEU A 243 0.69 -5.00 13.03
N LYS A 244 1.99 -5.19 13.22
CA LYS A 244 2.74 -6.21 12.47
C LYS A 244 2.23 -7.62 12.76
N ILE A 245 1.81 -7.87 14.00
CA ILE A 245 1.21 -9.15 14.34
C ILE A 245 -0.07 -9.35 13.55
N LEU A 246 -0.89 -8.30 13.47
CA LEU A 246 -2.16 -8.36 12.75
C LEU A 246 -1.93 -8.61 11.26
N LYS A 247 -1.01 -7.86 10.67
CA LYS A 247 -0.69 -8.04 9.26
C LYS A 247 -0.25 -9.47 8.99
N ALA A 248 0.52 -10.03 9.90
CA ALA A 248 1.01 -11.40 9.77
C ALA A 248 -0.14 -12.40 9.90
N ILE A 249 -1.05 -12.16 10.84
CA ILE A 249 -2.22 -13.01 11.01
C ILE A 249 -3.09 -12.98 9.76
N CYS A 250 -3.30 -11.79 9.22
CA CYS A 250 -4.17 -11.63 8.06
C CYS A 250 -3.57 -12.21 6.79
N LYS A 251 -2.26 -12.49 6.84
CA LYS A 251 -1.60 -13.15 5.73
C LYS A 251 -1.66 -14.66 5.87
N SER A 252 -2.21 -15.13 7.00
CA SER A 252 -2.22 -16.56 7.29
C SER A 252 -3.28 -17.32 6.49
N THR A 253 -4.45 -16.70 6.29
CA THR A 253 -5.55 -17.37 5.60
C THR A 253 -6.07 -16.55 4.42
N PRO A 254 -6.76 -17.20 3.48
CA PRO A 254 -7.44 -16.51 2.37
C PRO A 254 -8.50 -15.53 2.86
N ALA A 255 -9.30 -15.97 3.83
CA ALA A 255 -10.38 -15.14 4.37
C ALA A 255 -9.84 -13.80 4.89
N LEU A 256 -8.90 -13.89 5.83
CA LEU A 256 -8.33 -12.70 6.46
C LEU A 256 -7.43 -11.91 5.52
N GLY A 257 -7.11 -12.49 4.35
CA GLY A 257 -6.29 -11.81 3.37
C GLY A 257 -7.03 -10.67 2.68
N HIS A 258 -8.34 -10.60 2.87
CA HIS A 258 -9.15 -9.52 2.29
C HIS A 258 -9.05 -8.26 3.13
N LEU A 259 -8.42 -8.38 4.29
CA LEU A 259 -8.09 -7.21 5.11
C LEU A 259 -6.76 -6.65 4.63
N THR A 260 -6.61 -5.32 4.71
CA THR A 260 -5.42 -4.65 4.19
C THR A 260 -4.62 -3.99 5.31
N ALA A 261 -3.37 -3.65 5.00
CA ALA A 261 -2.52 -2.96 5.95
C ALA A 261 -3.15 -1.64 6.38
N SER A 262 -3.66 -0.89 5.40
CA SER A 262 -4.29 0.39 5.64
C SER A 262 -5.43 0.26 6.64
N GLN A 263 -6.24 -0.77 6.45
CA GLN A 263 -7.37 -1.02 7.34
C GLN A 263 -6.92 -1.30 8.76
N LEU A 264 -5.99 -2.25 8.90
CA LEU A 264 -5.48 -2.62 10.23
C LEU A 264 -4.74 -1.45 10.88
N THR A 265 -4.01 -0.68 10.08
CA THR A 265 -3.29 0.48 10.62
C THR A 265 -4.29 1.46 11.22
N ASN A 266 -5.42 1.65 10.57
CA ASN A 266 -6.42 2.61 11.04
C ASN A 266 -7.21 2.07 12.24
N VAL A 267 -7.30 0.75 12.36
CA VAL A 267 -7.83 0.15 13.56
C VAL A 267 -6.95 0.58 14.73
N ILE A 268 -5.63 0.44 14.56
CA ILE A 268 -4.67 0.77 15.59
C ILE A 268 -4.75 2.25 15.94
N LEU A 269 -4.81 3.10 14.92
CA LEU A 269 -4.84 4.55 15.13
C LEU A 269 -6.09 4.96 15.90
N HIS A 270 -7.24 4.36 15.58
CA HIS A 270 -8.47 4.65 16.30
C HIS A 270 -8.35 4.26 17.77
N LEU A 271 -7.77 3.11 18.03
CA LEU A 271 -7.59 2.63 19.39
C LEU A 271 -6.60 3.51 20.14
N ALA A 272 -5.63 4.06 19.41
CA ALA A 272 -4.65 4.95 20.01
C ALA A 272 -5.29 6.26 20.48
N GLN A 273 -6.41 6.62 19.88
CA GLN A 273 -7.15 7.82 20.28
C GLN A 273 -7.86 7.59 21.61
N GLU A 274 -8.13 6.34 21.93
CA GLU A 274 -8.85 5.97 23.15
C GLU A 274 -7.87 5.55 24.26
N GLU A 275 -6.75 4.97 23.85
CA GLU A 275 -5.75 4.47 24.80
C GLU A 275 -4.41 5.20 24.60
N ALA A 276 -3.89 5.75 25.69
CA ALA A 276 -2.64 6.49 25.66
C ALA A 276 -1.47 5.56 26.02
N ASP A 277 -1.71 4.64 26.93
CA ASP A 277 -0.66 3.73 27.41
C ASP A 277 -0.49 2.55 26.47
N TRP A 278 0.65 2.53 25.76
CA TRP A 278 1.00 1.43 24.87
C TRP A 278 2.35 0.86 25.31
N SER A 279 2.51 0.70 26.62
CA SER A 279 3.71 0.07 27.16
C SER A 279 3.78 -1.37 26.67
N PRO A 280 5.00 -1.93 26.56
CA PRO A 280 5.19 -3.29 26.05
C PRO A 280 4.37 -4.34 26.78
N ASP A 281 4.10 -4.12 28.07
CA ASP A 281 3.34 -5.09 28.86
C ASP A 281 1.84 -4.97 28.64
N MET A 282 1.43 -3.95 27.89
CA MET A 282 0.02 -3.75 27.57
C MET A 282 -0.34 -4.33 26.19
N LEU A 283 0.62 -5.01 25.57
CA LEU A 283 0.46 -5.51 24.21
C LEU A 283 -0.77 -6.40 24.05
N ALA A 284 -0.94 -7.34 24.97
CA ALA A 284 -2.01 -8.32 24.88
C ALA A 284 -3.38 -7.65 25.06
N ASP A 285 -3.46 -6.69 25.96
CA ASP A 285 -4.70 -5.95 26.18
C ASP A 285 -5.07 -5.15 24.95
N ARG A 286 -4.08 -4.58 24.29
CA ARG A 286 -4.32 -3.79 23.08
C ARG A 286 -4.69 -4.69 21.91
N PHE A 287 -4.06 -5.86 21.84
CA PHE A 287 -4.35 -6.82 20.78
C PHE A 287 -5.80 -7.27 20.85
N LEU A 288 -6.30 -7.44 22.07
CA LEU A 288 -7.69 -7.83 22.28
C LEU A 288 -8.62 -6.68 21.92
N GLN A 289 -8.29 -5.48 22.38
CA GLN A 289 -9.06 -4.29 22.03
C GLN A 289 -9.08 -4.09 20.52
N ALA A 290 -7.95 -4.38 19.88
CA ALA A 290 -7.85 -4.23 18.44
C ALA A 290 -8.83 -5.17 17.74
N LEU A 291 -8.91 -6.41 18.22
CA LEU A 291 -9.84 -7.39 17.66
C LEU A 291 -11.29 -6.95 17.89
N ARG A 292 -11.58 -6.49 19.09
CA ARG A 292 -12.91 -6.01 19.43
C ARG A 292 -13.33 -4.89 18.48
N GLY A 293 -12.45 -3.91 18.29
CA GLY A 293 -12.71 -2.81 17.39
C GLY A 293 -12.94 -3.29 15.97
N LEU A 294 -12.08 -4.19 15.50
CA LEU A 294 -12.20 -4.76 14.17
C LEU A 294 -13.55 -5.43 13.96
N ILE A 295 -14.04 -6.12 14.99
CA ILE A 295 -15.33 -6.78 14.93
C ILE A 295 -16.46 -5.75 14.82
N SER A 296 -16.33 -4.65 15.57
CA SER A 296 -17.35 -3.61 15.58
C SER A 296 -17.44 -2.88 14.23
N TYR A 297 -16.29 -2.61 13.63
CA TYR A 297 -16.25 -1.95 12.33
C TYR A 297 -16.90 -2.83 11.26
N LEU A 298 -16.61 -4.13 11.34
CA LEU A 298 -17.21 -5.09 10.42
C LEU A 298 -18.72 -5.20 10.64
N GLU A 299 -19.13 -5.18 11.90
CA GLU A 299 -20.55 -5.19 12.25
C GLU A 299 -21.27 -4.03 11.58
N ALA A 300 -20.69 -2.83 11.71
CA ALA A 300 -21.29 -1.63 11.15
C ALA A 300 -21.03 -1.51 9.65
N GLY A 301 -20.08 -2.29 9.15
CA GLY A 301 -19.74 -2.23 7.74
C GLY A 301 -19.04 -0.91 7.38
N VAL A 302 -18.53 -0.23 8.40
CA VAL A 302 -17.84 1.04 8.21
C VAL A 302 -16.59 1.12 9.06
N LEU A 303 -15.45 1.38 8.41
CA LEU A 303 -14.20 1.69 9.10
C LEU A 303 -13.67 3.03 8.59
N PRO A 304 -14.02 4.13 9.28
CA PRO A 304 -13.58 5.43 8.78
C PRO A 304 -12.08 5.62 8.90
N SER A 305 -11.46 6.25 7.91
CA SER A 305 -10.05 6.59 8.00
C SER A 305 -9.85 7.57 9.14
N ALA A 306 -8.83 7.31 9.96
CA ALA A 306 -8.56 8.15 11.13
C ALA A 306 -8.12 9.54 10.72
N LEU A 307 -7.47 9.66 9.56
CA LEU A 307 -6.93 10.93 9.09
C LEU A 307 -7.88 11.63 8.10
N ASN A 308 -8.80 10.86 7.52
CA ASN A 308 -9.80 11.42 6.62
C ASN A 308 -11.13 10.69 6.83
N PRO A 309 -11.89 11.10 7.87
CA PRO A 309 -13.12 10.40 8.28
C PRO A 309 -14.16 10.23 7.19
N LYS A 310 -14.15 11.10 6.19
CA LYS A 310 -15.09 11.00 5.07
C LYS A 310 -14.95 9.67 4.34
N VAL A 311 -13.78 9.07 4.42
CA VAL A 311 -13.48 7.84 3.67
C VAL A 311 -13.73 6.60 4.52
N ASN A 312 -14.66 5.76 4.06
CA ASN A 312 -14.87 4.44 4.66
C ASN A 312 -13.97 3.40 3.98
N LEU A 313 -13.00 2.88 4.73
CA LEU A 313 -12.00 1.98 4.19
C LEU A 313 -12.56 0.58 3.86
N PHE A 314 -13.78 0.30 4.30
CA PHE A 314 -14.43 -0.98 4.01
C PHE A 314 -15.36 -0.89 2.80
N ALA A 315 -15.32 0.24 2.09
CA ALA A 315 -16.22 0.45 0.95
C ALA A 315 -15.70 -0.20 -0.33
N GLU A 316 -14.59 -0.93 -0.22
CA GLU A 316 -14.08 -1.72 -1.34
C GLU A 316 -14.47 -3.18 -1.18
N LEU A 317 -15.11 -3.49 -0.05
CA LEU A 317 -15.58 -4.84 0.24
C LEU A 317 -17.09 -4.94 0.00
N THR A 318 -17.53 -6.05 -0.56
CA THR A 318 -18.95 -6.30 -0.74
C THR A 318 -19.55 -6.56 0.64
N PRO A 319 -20.85 -6.30 0.79
CA PRO A 319 -21.48 -6.51 2.11
C PRO A 319 -21.37 -7.95 2.57
N GLU A 320 -21.31 -8.89 1.63
CA GLU A 320 -21.18 -10.30 1.97
C GLU A 320 -19.76 -10.59 2.46
N GLU A 321 -18.77 -10.08 1.73
CA GLU A 321 -17.37 -10.23 2.14
C GLU A 321 -17.18 -9.71 3.56
N ILE A 322 -17.85 -8.61 3.88
CA ILE A 322 -17.80 -8.03 5.21
C ILE A 322 -18.45 -8.96 6.23
N ASP A 323 -19.63 -9.50 5.89
CA ASP A 323 -20.32 -10.41 6.78
C ASP A 323 -19.51 -11.68 7.00
N GLU A 324 -18.83 -12.14 5.95
CA GLU A 324 -18.03 -13.37 6.02
C GLU A 324 -16.78 -13.15 6.87
N LEU A 325 -16.21 -11.94 6.80
CA LEU A 325 -15.09 -11.58 7.64
C LEU A 325 -15.51 -11.58 9.10
N GLY A 326 -16.64 -10.95 9.39
CA GLY A 326 -17.19 -10.94 10.73
C GLY A 326 -17.41 -12.33 11.26
N TYR A 327 -17.92 -13.21 10.41
CA TYR A 327 -18.14 -14.61 10.75
C TYR A 327 -16.82 -15.32 11.06
N THR A 328 -15.79 -14.98 10.31
CA THR A 328 -14.46 -15.56 10.50
C THR A 328 -13.87 -15.16 11.86
N LEU A 329 -14.12 -13.93 12.29
CA LEU A 329 -13.53 -13.42 13.52
C LEU A 329 -14.47 -13.51 14.72
N TYR A 330 -15.57 -14.24 14.59
CA TYR A 330 -16.64 -14.22 15.59
C TYR A 330 -16.19 -14.59 17.00
N CYS A 331 -15.39 -15.65 17.13
CA CYS A 331 -15.01 -16.15 18.46
C CYS A 331 -13.62 -15.69 18.88
N SER A 332 -13.13 -14.62 18.27
CA SER A 332 -11.74 -14.21 18.47
C SER A 332 -11.47 -13.57 19.82
N LEU A 333 -12.52 -13.04 20.47
CA LEU A 333 -12.35 -12.42 21.78
C LEU A 333 -12.25 -13.48 22.88
N SER A 334 -12.78 -14.67 22.62
CA SER A 334 -12.79 -15.75 23.59
C SER A 334 -11.70 -16.78 23.30
N GLU A 335 -11.32 -16.91 22.03
CA GLU A 335 -10.25 -17.83 21.62
C GLU A 335 -9.21 -17.12 20.74
N PRO A 336 -8.62 -16.04 21.26
CA PRO A 336 -7.65 -15.26 20.47
C PRO A 336 -6.40 -16.05 20.08
N GLU A 337 -5.91 -16.88 21.00
CA GLU A 337 -4.70 -17.66 20.75
C GLU A 337 -4.80 -18.53 19.49
N VAL A 338 -6.03 -18.78 19.04
CA VAL A 338 -6.26 -19.60 17.85
C VAL A 338 -5.72 -18.94 16.59
N LEU A 339 -5.75 -17.60 16.56
CA LEU A 339 -5.32 -16.85 15.39
C LEU A 339 -3.84 -17.05 15.09
N LEU A 340 -3.07 -17.37 16.12
CA LEU A 340 -1.62 -17.45 16.01
C LEU A 340 -1.14 -18.81 15.51
N GLN A 341 -2.07 -19.75 15.39
CA GLN A 341 -1.75 -21.13 15.01
C GLN A 341 -1.89 -21.34 13.52
PB GDP B . 1.50 -4.61 2.89
O1B GDP B . 0.58 -5.62 3.54
O2B GDP B . 1.87 -5.08 1.50
O3B GDP B . 2.74 -4.48 3.72
O3A GDP B . 0.75 -3.23 2.78
PA GDP B . 1.53 -1.90 2.47
O1A GDP B . 1.68 -1.08 3.74
O2A GDP B . 2.91 -2.19 1.90
O5' GDP B . 0.70 -1.08 1.42
C5' GDP B . 0.88 -1.36 0.05
C4' GDP B . -0.46 -1.58 -0.60
O4' GDP B . -1.31 -0.47 -0.45
C3' GDP B . -0.27 -1.91 -2.05
O3' GDP B . -1.13 -2.89 -2.49
C2' GDP B . -0.51 -0.57 -2.65
O2' GDP B . -1.00 -0.69 -3.93
C1' GDP B . -1.50 0.09 -1.72
N9 GDP B . -1.41 1.55 -1.68
C8 GDP B . -2.45 2.40 -1.71
N7 GDP B . -2.02 3.65 -1.65
C5 GDP B . -0.69 3.65 -1.59
C6 GDP B . 0.31 4.68 -1.52
O6 GDP B . 0.00 5.86 -1.50
N1 GDP B . 1.64 4.28 -1.47
C2 GDP B . 2.08 2.91 -1.48
N2 GDP B . 3.51 2.57 -1.42
N3 GDP B . 1.16 1.95 -1.55
C4 GDP B . -0.27 2.30 -1.61
H5' GDP B . 1.33 -0.60 -0.37
H5'' GDP B . 1.43 -2.15 -0.06
H4' GDP B . -0.90 -2.35 -0.16
H3' GDP B . 0.65 -2.21 -2.18
HO3' GDP B . -0.94 -3.66 -2.08
H2' GDP B . 0.30 -0.07 -2.65
HO2' GDP B . -0.39 -1.13 -4.44
H1' GDP B . -2.42 -0.13 -2.01
H8 GDP B . -3.37 2.15 -1.75
HN1 GDP B . 2.28 4.93 -1.42
HN21 GDP B . 3.77 1.68 -1.43
HN22 GDP B . 4.12 3.22 -1.38
#